data_5FPB
#
_entry.id   5FPB
#
_cell.length_a   71.180
_cell.length_b   71.180
_cell.length_c   150.788
_cell.angle_alpha   90.00
_cell.angle_beta   90.00
_cell.angle_gamma   90.00
#
_symmetry.space_group_name_H-M   'P 43 21 2'
#
loop_
_entity.id
_entity.type
_entity.pdbx_description
1 polymer 'LYSINE-SPECIFIC DEMETHYLASE 4D'
2 non-polymer 'ZINC ION'
3 non-polymer 'COBALT (II) ION'
4 non-polymer 2-(1H-pyrazol-4-yloxy)-3H-pyrido[3,4-d]pyrimidin-4-one
5 non-polymer 'SULFATE ION'
6 water water
#
_entity_poly.entity_id   1
_entity_poly.type   'polypeptide(L)'
_entity_poly.pdbx_seq_one_letter_code
;GHMAQNPNCNIMIFHPTKEEFNDFDKYIAYMESQGAHRAGLAKIIPPKEWKARETYDNISEILIATPLQQVASGRAGVFT
QYHKKKKAMTVGEYRHLANSKKYQTPPHQNFEDLERKYWKNRIYNSPIYGADISGSLFDENTKQWNLGHLGTIQDLLEKE
CGVVIEGVNTPYLYFGMWKTTFAWHTEDMDLYSINYLHLGEPKTWYVVPPEHGQRLERLARELFPGSSRGCGAFLRHKVA
LISPTVLKENGIPFNRITQEAGEFMVTFPYGYHAGFNHGFNCAEAINFATPRWIDYGKMASQCSCGEARVTFSMDAFVRI
LQPERYDLWKRGQD
;
_entity_poly.pdbx_strand_id   A
#
# COMPACT_ATOMS: atom_id res chain seq x y z
N ALA A 4 2.79 -25.93 -10.81
CA ALA A 4 2.50 -24.59 -10.22
C ALA A 4 3.79 -23.78 -10.07
N GLN A 5 3.77 -22.53 -10.54
CA GLN A 5 4.95 -21.66 -10.46
C GLN A 5 5.04 -21.02 -9.08
N ASN A 6 6.26 -20.81 -8.59
CA ASN A 6 6.50 -20.14 -7.30
C ASN A 6 5.71 -20.72 -6.12
N PRO A 7 5.82 -22.05 -5.89
CA PRO A 7 5.07 -22.72 -4.83
C PRO A 7 5.41 -22.26 -3.41
N ASN A 8 6.65 -21.84 -3.18
CA ASN A 8 7.02 -21.28 -1.87
C ASN A 8 6.54 -19.83 -1.68
N CYS A 9 5.91 -19.25 -2.70
CA CYS A 9 5.36 -17.88 -2.62
C CYS A 9 6.45 -16.82 -2.34
N ASN A 10 7.61 -16.95 -2.97
CA ASN A 10 8.69 -15.97 -2.82
C ASN A 10 8.36 -14.66 -3.53
N ILE A 11 8.83 -13.56 -2.99
CA ILE A 11 8.72 -12.26 -3.66
C ILE A 11 9.68 -12.27 -4.85
N MET A 12 9.14 -12.06 -6.04
CA MET A 12 9.92 -12.09 -7.27
C MET A 12 10.28 -10.68 -7.72
N ILE A 13 11.46 -10.56 -8.32
CA ILE A 13 12.00 -9.30 -8.81
C ILE A 13 12.17 -9.37 -10.32
N PHE A 14 11.60 -8.41 -11.03
CA PHE A 14 11.60 -8.41 -12.50
C PHE A 14 12.43 -7.26 -13.07
N HIS A 15 13.04 -7.52 -14.22
CA HIS A 15 13.90 -6.58 -14.92
C HIS A 15 13.49 -6.46 -16.39
N PRO A 16 12.33 -5.83 -16.65
CA PRO A 16 11.86 -5.69 -18.03
C PRO A 16 12.80 -4.89 -18.92
N THR A 17 12.91 -5.29 -20.19
CA THR A 17 13.55 -4.49 -21.21
C THR A 17 12.61 -3.35 -21.57
N LYS A 18 13.14 -2.30 -22.20
CA LYS A 18 12.28 -1.20 -22.66
C LYS A 18 11.15 -1.70 -23.58
N GLU A 19 11.43 -2.75 -24.35
CA GLU A 19 10.42 -3.37 -25.21
C GLU A 19 9.30 -4.00 -24.37
N GLU A 20 9.68 -4.78 -23.37
CA GLU A 20 8.73 -5.43 -22.48
C GLU A 20 7.97 -4.43 -21.61
N PHE A 21 8.56 -3.26 -21.41
CA PHE A 21 7.99 -2.21 -20.57
C PHE A 21 6.92 -1.41 -21.29
N ASN A 22 6.63 -1.76 -22.54
CA ASN A 22 5.76 -0.97 -23.40
C ASN A 22 4.29 -1.37 -23.35
N ASP A 23 4.00 -2.51 -22.73
CA ASP A 23 2.61 -2.96 -22.57
C ASP A 23 2.37 -3.40 -21.13
N PHE A 24 1.77 -2.51 -20.34
CA PHE A 24 1.57 -2.73 -18.91
C PHE A 24 0.79 -4.02 -18.61
N ASP A 25 -0.41 -4.13 -19.17
CA ASP A 25 -1.28 -5.29 -18.93
C ASP A 25 -0.58 -6.60 -19.29
N LYS A 26 0.10 -6.60 -20.43
CA LYS A 26 0.83 -7.77 -20.89
C LYS A 26 1.93 -8.18 -19.89
N TYR A 27 2.65 -7.21 -19.34
CA TYR A 27 3.73 -7.52 -18.43
C TYR A 27 3.24 -8.02 -17.06
N ILE A 28 2.13 -7.46 -16.57
CA ILE A 28 1.50 -7.97 -15.36
C ILE A 28 1.11 -9.43 -15.57
N ALA A 29 0.47 -9.72 -16.70
CA ALA A 29 0.08 -11.09 -17.04
C ALA A 29 1.30 -12.02 -17.09
N TYR A 30 2.38 -11.55 -17.71
CA TYR A 30 3.64 -12.31 -17.75
C TYR A 30 4.15 -12.62 -16.34
N MET A 31 4.19 -11.61 -15.48
CA MET A 31 4.64 -11.81 -14.11
C MET A 31 3.82 -12.89 -13.42
N GLU A 32 2.51 -12.87 -13.63
CA GLU A 32 1.65 -13.87 -13.02
C GLU A 32 1.85 -15.27 -13.63
N SER A 33 2.20 -15.33 -14.92
CA SER A 33 2.54 -16.61 -15.55
C SER A 33 3.75 -17.27 -14.88
N GLN A 34 4.64 -16.45 -14.30
CA GLN A 34 5.79 -16.94 -13.55
C GLN A 34 5.50 -17.11 -12.06
N GLY A 35 4.24 -16.93 -11.66
CA GLY A 35 3.81 -17.14 -10.28
C GLY A 35 4.04 -15.99 -9.30
N ALA A 36 4.32 -14.80 -9.83
CA ALA A 36 4.65 -13.64 -8.98
C ALA A 36 3.57 -13.32 -7.95
N HIS A 37 2.32 -13.38 -8.41
CA HIS A 37 1.16 -13.09 -7.55
C HIS A 37 1.06 -13.96 -6.29
N ARG A 38 1.64 -15.16 -6.31
CA ARG A 38 1.53 -16.04 -5.14
CA ARG A 38 1.56 -16.05 -5.15
C ARG A 38 2.19 -15.44 -3.89
N ALA A 39 3.18 -14.58 -4.09
CA ALA A 39 3.83 -13.87 -2.97
C ALA A 39 2.96 -12.78 -2.36
N GLY A 40 2.11 -12.18 -3.18
CA GLY A 40 1.28 -11.04 -2.78
C GLY A 40 1.91 -9.70 -3.17
N LEU A 41 3.16 -9.74 -3.58
CA LEU A 41 3.96 -8.54 -3.84
C LEU A 41 5.09 -8.89 -4.79
N ALA A 42 5.38 -8.00 -5.74
CA ALA A 42 6.51 -8.16 -6.65
C ALA A 42 7.22 -6.82 -6.82
N LYS A 43 8.52 -6.88 -7.10
CA LYS A 43 9.31 -5.70 -7.41
C LYS A 43 9.59 -5.68 -8.92
N ILE A 44 9.45 -4.51 -9.53
CA ILE A 44 9.81 -4.30 -10.93
C ILE A 44 10.84 -3.18 -11.03
N ILE A 45 12.01 -3.52 -11.53
CA ILE A 45 13.07 -2.55 -11.79
C ILE A 45 12.93 -2.07 -13.23
N PRO A 46 12.65 -0.77 -13.43
CA PRO A 46 12.42 -0.32 -14.80
C PRO A 46 13.68 -0.38 -15.67
N PRO A 47 13.51 -0.37 -17.00
CA PRO A 47 14.68 -0.35 -17.89
C PRO A 47 15.59 0.83 -17.55
N LYS A 48 16.89 0.65 -17.76
CA LYS A 48 17.88 1.69 -17.43
C LYS A 48 17.66 3.02 -18.15
N GLU A 49 17.01 3.00 -19.30
CA GLU A 49 16.76 4.22 -20.09
C GLU A 49 15.44 4.93 -19.75
N TRP A 50 14.67 4.37 -18.83
CA TRP A 50 13.37 4.94 -18.46
C TRP A 50 13.53 5.91 -17.30
N LYS A 51 12.68 6.93 -17.27
CA LYS A 51 12.60 7.83 -16.11
C LYS A 51 11.16 8.32 -15.91
N ALA A 52 10.82 8.60 -14.66
CA ALA A 52 9.47 9.09 -14.33
C ALA A 52 9.32 10.56 -14.72
N ARG A 53 10.37 11.34 -14.48
CA ARG A 53 10.41 12.75 -14.85
C ARG A 53 11.87 13.20 -14.91
N GLU A 54 12.10 14.42 -15.39
CA GLU A 54 13.46 14.90 -15.60
C GLU A 54 14.20 15.11 -14.28
N THR A 55 13.65 15.94 -13.39
CA THR A 55 14.23 16.15 -12.07
C THR A 55 13.12 16.29 -11.02
N TYR A 56 13.52 16.24 -9.75
CA TYR A 56 12.61 16.50 -8.64
C TYR A 56 12.95 17.81 -7.95
N ASP A 57 13.46 18.77 -8.73
CA ASP A 57 13.92 20.05 -8.18
C ASP A 57 12.79 21.03 -7.86
N ASN A 58 11.61 20.83 -8.45
CA ASN A 58 10.53 21.81 -8.33
C ASN A 58 9.31 21.30 -7.55
N ILE A 59 9.52 20.47 -6.53
CA ILE A 59 8.41 19.82 -5.80
C ILE A 59 8.14 20.39 -4.40
N SER A 60 8.94 21.34 -3.95
CA SER A 60 8.84 21.89 -2.59
C SER A 60 7.55 22.64 -2.30
N GLU A 61 6.84 23.10 -3.34
CA GLU A 61 5.62 23.89 -3.17
C GLU A 61 4.34 23.06 -3.14
N ILE A 62 4.45 21.76 -3.39
CA ILE A 62 3.32 20.86 -3.18
C ILE A 62 2.85 21.01 -1.74
N LEU A 63 1.54 21.09 -1.53
CA LEU A 63 0.98 21.23 -0.19
C LEU A 63 0.55 19.88 0.37
N ILE A 64 0.97 19.61 1.60
CA ILE A 64 0.44 18.53 2.40
C ILE A 64 -0.64 19.17 3.29
N ALA A 65 -1.88 19.16 2.82
CA ALA A 65 -2.97 19.86 3.50
C ALA A 65 -3.24 19.32 4.91
N THR A 66 -3.12 18.00 5.09
CA THR A 66 -3.38 17.37 6.38
C THR A 66 -2.32 16.33 6.73
N PRO A 67 -1.15 16.78 7.20
CA PRO A 67 -0.15 15.82 7.67
C PRO A 67 -0.70 15.02 8.84
N LEU A 68 -0.33 13.75 8.93
CA LEU A 68 -0.89 12.86 9.93
C LEU A 68 0.20 12.40 10.89
N GLN A 69 0.04 12.73 12.17
CA GLN A 69 0.96 12.25 13.20
C GLN A 69 0.48 10.86 13.63
N GLN A 70 1.39 9.89 13.52
CA GLN A 70 1.04 8.49 13.74
C GLN A 70 1.39 8.05 15.16
N VAL A 71 0.38 8.07 16.03
CA VAL A 71 0.54 7.79 17.44
C VAL A 71 0.24 6.32 17.75
N ALA A 72 1.19 5.62 18.35
CA ALA A 72 1.07 4.19 18.59
C ALA A 72 0.57 3.83 20.00
N SER A 73 -0.10 2.68 20.09
CA SER A 73 -0.57 2.14 21.36
CA SER A 73 -0.57 2.14 21.36
CA SER A 73 -0.58 2.15 21.35
C SER A 73 -0.42 0.63 21.34
N GLY A 74 0.15 0.07 22.41
CA GLY A 74 0.32 -1.38 22.52
C GLY A 74 1.75 -1.74 22.87
N ARG A 75 2.19 -2.91 22.41
CA ARG A 75 3.54 -3.39 22.65
C ARG A 75 4.40 -3.15 21.42
N ALA A 76 5.72 -3.28 21.61
CA ALA A 76 6.67 -3.02 20.52
C ALA A 76 6.33 -3.80 19.24
N GLY A 77 6.00 -5.08 19.39
CA GLY A 77 5.70 -5.95 18.24
C GLY A 77 4.22 -6.11 17.88
N VAL A 78 3.33 -5.53 18.69
CA VAL A 78 1.89 -5.63 18.50
C VAL A 78 1.25 -4.33 18.95
N PHE A 79 0.92 -3.48 17.99
CA PHE A 79 0.37 -2.17 18.32
C PHE A 79 -0.63 -1.68 17.28
N THR A 80 -1.42 -0.70 17.68
CA THR A 80 -2.27 0.02 16.75
C THR A 80 -1.75 1.45 16.65
N GLN A 81 -2.08 2.13 15.57
CA GLN A 81 -1.75 3.54 15.45
C GLN A 81 -2.98 4.32 15.06
N TYR A 82 -3.12 5.52 15.61
CA TYR A 82 -4.17 6.43 15.18
C TYR A 82 -3.53 7.67 14.60
N HIS A 83 -4.27 8.35 13.73
CA HIS A 83 -3.75 9.51 13.03
C HIS A 83 -4.31 10.80 13.62
N LYS A 84 -3.41 11.62 14.14
CA LYS A 84 -3.74 12.92 14.66
C LYS A 84 -3.45 13.94 13.56
N LYS A 85 -4.47 14.71 13.20
CA LYS A 85 -4.35 15.70 12.13
C LYS A 85 -3.48 16.86 12.58
N LYS A 86 -2.56 17.28 11.71
CA LYS A 86 -1.69 18.40 11.99
C LYS A 86 -1.98 19.51 11.00
N LYS A 87 -1.43 20.70 11.26
CA LYS A 87 -1.61 21.84 10.38
C LYS A 87 -0.87 21.65 9.06
N ALA A 88 -1.40 22.26 8.01
CA ALA A 88 -0.85 22.10 6.66
C ALA A 88 0.60 22.56 6.59
N MET A 89 1.39 21.91 5.74
CA MET A 89 2.74 22.35 5.45
C MET A 89 3.10 21.97 4.02
N THR A 90 4.06 22.69 3.45
CA THR A 90 4.54 22.35 2.12
C THR A 90 5.49 21.16 2.21
N VAL A 91 5.78 20.55 1.05
CA VAL A 91 6.76 19.48 0.97
C VAL A 91 8.14 19.98 1.44
N GLY A 92 8.48 21.21 1.09
CA GLY A 92 9.72 21.84 1.55
C GLY A 92 9.83 21.86 3.07
N GLU A 93 8.74 22.28 3.71
CA GLU A 93 8.69 22.35 5.16
C GLU A 93 8.72 20.95 5.77
N TYR A 94 7.96 20.03 5.16
CA TYR A 94 7.94 18.64 5.60
C TYR A 94 9.31 18.00 5.53
N ARG A 95 10.01 18.19 4.41
CA ARG A 95 11.36 17.64 4.20
C ARG A 95 12.32 18.13 5.28
N HIS A 96 12.24 19.42 5.59
CA HIS A 96 13.07 20.01 6.65
C HIS A 96 12.76 19.39 8.02
N LEU A 97 11.47 19.17 8.30
CA LEU A 97 11.04 18.49 9.53
C LEU A 97 11.55 17.05 9.60
N ALA A 98 11.40 16.31 8.50
CA ALA A 98 11.88 14.93 8.42
C ALA A 98 13.38 14.83 8.71
N ASN A 99 14.13 15.82 8.26
CA ASN A 99 15.58 15.85 8.43
C ASN A 99 16.07 16.45 9.75
N SER A 100 15.14 16.93 10.60
CA SER A 100 15.53 17.52 11.88
C SER A 100 15.98 16.44 12.87
N LYS A 101 16.66 16.87 13.94
CA LYS A 101 17.16 15.92 14.94
C LYS A 101 16.05 15.05 15.54
N LYS A 102 14.87 15.64 15.74
CA LYS A 102 13.75 14.92 16.33
C LYS A 102 13.28 13.73 15.46
N TYR A 103 13.30 13.89 14.14
CA TYR A 103 12.68 12.93 13.24
C TYR A 103 13.61 12.19 12.27
N GLN A 104 14.88 12.60 12.19
CA GLN A 104 15.82 12.03 11.21
CA GLN A 104 15.82 12.03 11.20
C GLN A 104 16.11 10.56 11.47
N THR A 105 16.45 9.83 10.41
CA THR A 105 16.91 8.46 10.50
C THR A 105 18.13 8.40 11.40
N PRO A 106 18.14 7.45 12.35
CA PRO A 106 19.27 7.36 13.27
C PRO A 106 20.45 6.67 12.60
N PRO A 107 21.67 6.85 13.16
CA PRO A 107 22.81 6.08 12.67
C PRO A 107 22.52 4.58 12.71
N HIS A 108 22.97 3.86 11.70
CA HIS A 108 22.72 2.42 11.60
C HIS A 108 23.74 1.77 10.65
N GLN A 109 23.96 0.48 10.86
CA GLN A 109 24.95 -0.28 10.09
CA GLN A 109 24.95 -0.27 10.09
C GLN A 109 24.45 -0.62 8.69
N ASN A 110 23.19 -1.07 8.60
CA ASN A 110 22.60 -1.50 7.33
C ASN A 110 21.07 -1.58 7.42
N PHE A 111 20.39 -2.06 6.37
CA PHE A 111 18.93 -2.24 6.39
C PHE A 111 18.48 -3.09 7.57
N GLU A 112 19.20 -4.17 7.83
CA GLU A 112 18.84 -5.12 8.89
C GLU A 112 18.88 -4.48 10.28
N ASP A 113 19.92 -3.68 10.53
CA ASP A 113 20.04 -2.93 11.78
C ASP A 113 18.91 -1.90 11.90
N LEU A 114 18.58 -1.23 10.80
CA LEU A 114 17.50 -0.24 10.81
C LEU A 114 16.14 -0.89 11.10
N GLU A 115 15.91 -2.07 10.51
CA GLU A 115 14.69 -2.83 10.78
C GLU A 115 14.57 -3.18 12.26
N ARG A 116 15.68 -3.63 12.85
CA ARG A 116 15.72 -3.95 14.26
C ARG A 116 15.34 -2.71 15.09
N LYS A 117 15.95 -1.58 14.75
CA LYS A 117 15.65 -0.32 15.44
C LYS A 117 14.19 0.10 15.27
N TYR A 118 13.65 -0.08 14.06
CA TYR A 118 12.22 0.21 13.83
C TYR A 118 11.33 -0.55 14.81
N TRP A 119 11.44 -1.87 14.83
CA TRP A 119 10.54 -2.69 15.64
C TRP A 119 10.78 -2.55 17.14
N LYS A 120 12.01 -2.24 17.53
CA LYS A 120 12.33 -2.00 18.93
C LYS A 120 11.78 -0.66 19.41
N ASN A 121 11.92 0.37 18.57
CA ASN A 121 11.68 1.75 19.00
C ASN A 121 10.46 2.47 18.40
N ARG A 122 9.81 1.88 17.39
CA ARG A 122 8.72 2.57 16.65
C ARG A 122 7.67 3.17 17.58
N ILE A 123 7.18 2.39 18.53
CA ILE A 123 6.05 2.82 19.37
C ILE A 123 6.35 4.02 20.27
N TYR A 124 7.62 4.29 20.54
CA TYR A 124 8.02 5.37 21.43
C TYR A 124 8.17 6.71 20.74
N ASN A 125 7.88 6.76 19.44
CA ASN A 125 7.91 8.01 18.70
C ASN A 125 6.64 8.12 17.86
N SER A 126 6.28 9.36 17.51
CA SER A 126 5.10 9.62 16.69
C SER A 126 5.49 10.43 15.45
N PRO A 127 5.92 9.73 14.38
CA PRO A 127 6.31 10.41 13.15
C PRO A 127 5.12 10.98 12.41
N ILE A 128 5.39 11.92 11.51
CA ILE A 128 4.34 12.61 10.76
C ILE A 128 4.41 12.17 9.30
N TYR A 129 3.27 11.74 8.74
CA TYR A 129 3.21 11.15 7.41
C TYR A 129 2.35 12.04 6.51
N GLY A 130 2.90 12.46 5.37
CA GLY A 130 2.13 13.16 4.35
C GLY A 130 1.52 12.17 3.39
N ALA A 131 0.51 11.44 3.85
CA ALA A 131 -0.07 10.34 3.09
C ALA A 131 -1.34 10.75 2.37
N ASP A 132 -1.66 10.03 1.30
CA ASP A 132 -2.96 10.10 0.62
C ASP A 132 -3.26 11.46 -0.03
N ILE A 133 -2.25 12.01 -0.70
CA ILE A 133 -2.39 13.31 -1.37
C ILE A 133 -2.70 13.09 -2.84
N SER A 134 -3.90 13.49 -3.27
CA SER A 134 -4.29 13.34 -4.67
CA SER A 134 -4.28 13.34 -4.66
C SER A 134 -3.32 14.11 -5.56
N GLY A 135 -2.69 13.40 -6.51
CA GLY A 135 -1.74 14.03 -7.43
C GLY A 135 -0.76 13.05 -8.05
N SER A 136 0.12 13.57 -8.90
CA SER A 136 1.09 12.76 -9.62
C SER A 136 2.39 13.53 -9.83
N LEU A 137 3.51 12.81 -9.77
CA LEU A 137 4.81 13.37 -10.12
C LEU A 137 5.38 12.82 -11.43
N PHE A 138 4.60 12.03 -12.16
CA PHE A 138 5.04 11.56 -13.47
C PHE A 138 4.91 12.68 -14.48
N ASP A 139 5.92 12.81 -15.34
CA ASP A 139 5.85 13.77 -16.44
C ASP A 139 4.80 13.29 -17.43
N GLU A 140 3.97 14.22 -17.92
CA GLU A 140 2.93 13.86 -18.88
C GLU A 140 3.50 13.19 -20.13
N ASN A 141 4.75 13.50 -20.46
CA ASN A 141 5.41 12.88 -21.61
C ASN A 141 6.00 11.49 -21.33
N THR A 142 6.01 11.06 -20.07
CA THR A 142 6.44 9.70 -19.74
C THR A 142 5.34 8.76 -20.19
N LYS A 143 5.64 7.92 -21.18
CA LYS A 143 4.64 7.09 -21.85
C LYS A 143 4.47 5.70 -21.23
N GLN A 144 5.53 5.16 -20.65
CA GLN A 144 5.48 3.82 -20.08
C GLN A 144 5.31 3.85 -18.56
N TRP A 145 4.39 3.05 -18.05
CA TRP A 145 4.20 2.87 -16.60
C TRP A 145 4.03 4.20 -15.87
N ASN A 146 3.30 5.12 -16.53
CA ASN A 146 2.90 6.38 -15.96
C ASN A 146 1.62 6.13 -15.16
N LEU A 147 1.73 6.21 -13.84
CA LEU A 147 0.62 5.83 -12.97
C LEU A 147 -0.61 6.75 -13.08
N GLY A 148 -0.47 7.90 -13.70
CA GLY A 148 -1.61 8.76 -14.02
C GLY A 148 -2.27 8.48 -15.38
N HIS A 149 -1.65 7.61 -16.18
CA HIS A 149 -2.17 7.27 -17.51
C HIS A 149 -2.55 5.79 -17.63
N LEU A 150 -2.83 5.14 -16.50
CA LEU A 150 -3.28 3.75 -16.55
C LEU A 150 -4.75 3.72 -16.92
N GLY A 151 -5.20 2.58 -17.42
CA GLY A 151 -6.62 2.35 -17.64
C GLY A 151 -7.32 2.28 -16.30
N THR A 152 -8.57 2.75 -16.25
CA THR A 152 -9.29 2.85 -14.97
C THR A 152 -9.90 1.51 -14.59
N ILE A 153 -10.18 1.34 -13.30
CA ILE A 153 -10.83 0.15 -12.79
C ILE A 153 -12.28 0.10 -13.30
N GLN A 154 -12.90 1.27 -13.48
CA GLN A 154 -14.25 1.35 -14.02
C GLN A 154 -14.30 0.79 -15.44
N ASP A 155 -13.30 1.13 -16.25
CA ASP A 155 -13.25 0.63 -17.63
C ASP A 155 -12.96 -0.87 -17.68
N LEU A 156 -12.15 -1.35 -16.74
CA LEU A 156 -11.87 -2.79 -16.63
C LEU A 156 -13.16 -3.54 -16.27
N LEU A 157 -13.87 -3.05 -15.26
CA LEU A 157 -15.13 -3.66 -14.83
CA LEU A 157 -15.13 -3.66 -14.82
C LEU A 157 -16.14 -3.68 -15.97
N GLU A 158 -16.18 -2.59 -16.74
CA GLU A 158 -17.06 -2.50 -17.90
C GLU A 158 -16.68 -3.50 -18.99
N LYS A 159 -15.39 -3.59 -19.27
CA LYS A 159 -14.86 -4.53 -20.28
C LYS A 159 -15.15 -6.00 -19.90
N GLU A 160 -15.04 -6.33 -18.62
CA GLU A 160 -15.24 -7.71 -18.16
C GLU A 160 -16.70 -8.07 -17.91
N CYS A 161 -17.48 -7.15 -17.36
CA CYS A 161 -18.85 -7.45 -16.93
C CYS A 161 -19.94 -6.77 -17.77
N GLY A 162 -19.55 -5.90 -18.70
CA GLY A 162 -20.50 -5.25 -19.60
C GLY A 162 -21.34 -4.15 -18.98
N VAL A 163 -20.99 -3.71 -17.77
CA VAL A 163 -21.76 -2.68 -17.07
C VAL A 163 -20.96 -1.38 -17.03
N VAL A 164 -21.59 -0.27 -17.39
CA VAL A 164 -20.96 1.04 -17.26
C VAL A 164 -21.25 1.57 -15.85
N ILE A 165 -20.24 2.09 -15.17
CA ILE A 165 -20.44 2.65 -13.83
C ILE A 165 -19.77 4.01 -13.71
N GLU A 166 -20.27 4.79 -12.75
CA GLU A 166 -19.66 6.07 -12.41
C GLU A 166 -18.33 5.85 -11.69
N GLY A 167 -17.57 6.92 -11.59
CA GLY A 167 -16.34 6.92 -10.81
C GLY A 167 -15.10 7.08 -11.66
N VAL A 168 -14.06 7.59 -11.03
CA VAL A 168 -12.76 7.75 -11.66
C VAL A 168 -11.74 7.28 -10.62
N ASN A 169 -10.58 6.84 -11.05
CA ASN A 169 -9.53 6.54 -10.10
C ASN A 169 -8.18 7.10 -10.54
N THR A 170 -7.62 7.85 -9.59
CA THR A 170 -6.46 8.67 -9.82
C THR A 170 -5.38 8.36 -8.78
N PRO A 171 -4.13 8.75 -9.08
CA PRO A 171 -3.02 8.40 -8.17
C PRO A 171 -2.96 9.26 -6.91
N TYR A 172 -2.22 8.76 -5.93
CA TYR A 172 -1.99 9.48 -4.68
C TYR A 172 -0.50 9.56 -4.42
N LEU A 173 -0.08 10.63 -3.75
CA LEU A 173 1.31 10.81 -3.33
C LEU A 173 1.45 10.56 -1.84
N TYR A 174 2.61 10.03 -1.45
CA TYR A 174 2.93 9.74 -0.07
C TYR A 174 4.30 10.31 0.25
N PHE A 175 4.34 11.32 1.12
CA PHE A 175 5.59 11.89 1.59
C PHE A 175 5.88 11.33 2.98
N GLY A 176 6.99 10.61 3.09
CA GLY A 176 7.31 9.89 4.32
C GLY A 176 8.54 10.41 5.03
N MET A 177 8.71 9.95 6.26
CA MET A 177 9.92 10.17 7.05
C MET A 177 10.22 8.89 7.83
N TRP A 178 11.35 8.85 8.52
CA TRP A 178 11.73 7.70 9.34
C TRP A 178 10.58 7.29 10.28
N LYS A 179 10.31 5.99 10.31
CA LYS A 179 9.28 5.38 11.16
C LYS A 179 7.83 5.55 10.71
N THR A 180 7.57 6.37 9.67
CA THR A 180 6.20 6.45 9.16
C THR A 180 5.83 5.05 8.67
N THR A 181 4.57 4.68 8.92
CA THR A 181 4.18 3.28 8.95
C THR A 181 2.89 3.09 8.16
N PHE A 182 2.83 2.05 7.33
CA PHE A 182 1.56 1.58 6.81
C PHE A 182 1.17 0.25 7.45
N ALA A 183 -0.05 0.23 8.00
CA ALA A 183 -0.53 -0.91 8.76
C ALA A 183 -0.94 -2.07 7.85
N TRP A 184 -1.09 -3.24 8.46
CA TRP A 184 -1.52 -4.44 7.75
C TRP A 184 -2.88 -4.25 7.08
N HIS A 185 -2.93 -4.45 5.76
CA HIS A 185 -4.18 -4.34 5.03
C HIS A 185 -4.08 -4.99 3.64
N THR A 186 -5.23 -5.23 3.03
CA THR A 186 -5.31 -5.44 1.59
C THR A 186 -5.93 -4.19 1.00
N GLU A 187 -5.91 -4.08 -0.32
CA GLU A 187 -6.49 -2.91 -0.98
C GLU A 187 -8.01 -2.93 -0.92
N ASP A 188 -8.62 -1.76 -1.09
CA ASP A 188 -10.08 -1.66 -1.21
C ASP A 188 -10.53 -2.66 -2.26
N MET A 189 -11.60 -3.40 -1.97
CA MET A 189 -12.14 -4.45 -2.85
C MET A 189 -11.09 -5.48 -3.27
N ASP A 190 -10.04 -5.63 -2.47
CA ASP A 190 -8.91 -6.50 -2.78
C ASP A 190 -8.35 -6.30 -4.19
N LEU A 191 -8.28 -5.03 -4.59
CA LEU A 191 -7.67 -4.64 -5.86
C LEU A 191 -6.17 -4.84 -5.84
N TYR A 192 -5.55 -4.72 -7.01
CA TYR A 192 -4.10 -4.60 -7.10
C TYR A 192 -3.73 -3.18 -6.70
N SER A 193 -2.46 -2.98 -6.37
CA SER A 193 -1.90 -1.63 -6.31
CA SER A 193 -1.88 -1.64 -6.27
C SER A 193 -0.52 -1.62 -6.96
N ILE A 194 -0.13 -0.47 -7.46
CA ILE A 194 1.21 -0.27 -7.98
C ILE A 194 1.76 0.99 -7.32
N ASN A 195 3.00 0.89 -6.81
CA ASN A 195 3.65 1.91 -6.01
C ASN A 195 5.00 2.21 -6.65
N TYR A 196 5.26 3.47 -6.95
CA TYR A 196 6.57 3.89 -7.44
C TYR A 196 7.24 4.80 -6.41
N LEU A 197 8.46 4.46 -6.03
CA LEU A 197 9.22 5.28 -5.11
C LEU A 197 10.02 6.30 -5.92
N HIS A 198 9.53 7.54 -5.94
CA HIS A 198 10.09 8.59 -6.78
C HIS A 198 11.46 9.05 -6.34
N LEU A 199 11.64 9.24 -5.04
N LEU A 199 11.65 9.21 -5.04
CA LEU A 199 12.85 9.83 -4.52
CA LEU A 199 12.80 9.94 -4.50
C LEU A 199 13.00 9.57 -3.04
C LEU A 199 12.99 9.64 -3.02
N GLY A 200 14.24 9.66 -2.57
CA GLY A 200 14.55 9.61 -1.15
C GLY A 200 14.92 8.24 -0.62
N GLU A 201 14.69 8.06 0.67
CA GLU A 201 15.15 6.88 1.38
C GLU A 201 14.20 5.71 1.14
N PRO A 202 14.66 4.48 1.43
CA PRO A 202 13.85 3.30 1.09
C PRO A 202 12.56 3.11 1.89
N LYS A 203 11.81 2.11 1.45
CA LYS A 203 10.56 1.70 2.07
C LYS A 203 10.62 0.18 2.21
N THR A 204 10.50 -0.32 3.43
CA THR A 204 10.52 -1.76 3.68
C THR A 204 9.09 -2.28 3.74
N TRP A 205 8.87 -3.42 3.08
CA TRP A 205 7.56 -4.04 2.95
C TRP A 205 7.56 -5.42 3.58
N TYR A 206 6.44 -5.76 4.20
CA TYR A 206 6.12 -7.12 4.65
C TYR A 206 4.85 -7.56 3.94
N VAL A 207 4.75 -8.83 3.60
CA VAL A 207 3.62 -9.32 2.83
C VAL A 207 3.29 -10.78 3.16
N VAL A 208 2.00 -11.08 3.22
CA VAL A 208 1.51 -12.45 3.41
C VAL A 208 0.92 -12.95 2.09
N PRO A 209 1.29 -14.18 1.66
CA PRO A 209 0.72 -14.73 0.43
C PRO A 209 -0.81 -14.75 0.47
N PRO A 210 -1.47 -14.32 -0.63
CA PRO A 210 -2.93 -14.33 -0.70
C PRO A 210 -3.57 -15.66 -0.29
N GLU A 211 -2.98 -16.78 -0.67
CA GLU A 211 -3.53 -18.08 -0.30
C GLU A 211 -3.51 -18.33 1.22
N HIS A 212 -2.71 -17.55 1.96
CA HIS A 212 -2.63 -17.69 3.41
C HIS A 212 -3.18 -16.47 4.20
N GLY A 213 -3.90 -15.58 3.52
CA GLY A 213 -4.42 -14.37 4.14
C GLY A 213 -5.28 -14.62 5.37
N GLN A 214 -6.09 -15.66 5.34
CA GLN A 214 -6.97 -15.97 6.47
C GLN A 214 -6.20 -16.37 7.74
N ARG A 215 -4.98 -16.88 7.59
CA ARG A 215 -4.12 -17.14 8.74
C ARG A 215 -3.74 -15.86 9.46
N LEU A 216 -3.39 -14.82 8.69
CA LEU A 216 -3.10 -13.52 9.28
C LEU A 216 -4.33 -12.94 9.98
N GLU A 217 -5.48 -13.05 9.33
CA GLU A 217 -6.74 -12.53 9.90
C GLU A 217 -7.05 -13.20 11.24
N ARG A 218 -6.88 -14.52 11.28
CA ARG A 218 -7.10 -15.30 12.49
C ARG A 218 -6.18 -14.84 13.64
N LEU A 219 -4.90 -14.64 13.34
CA LEU A 219 -3.96 -14.12 14.33
C LEU A 219 -4.34 -12.71 14.79
N ALA A 220 -4.77 -11.87 13.83
CA ALA A 220 -5.16 -10.50 14.14
C ALA A 220 -6.35 -10.46 15.12
N ARG A 221 -7.32 -11.35 14.90
CA ARG A 221 -8.46 -11.45 15.82
C ARG A 221 -8.00 -11.76 17.25
N GLU A 222 -6.99 -12.62 17.38
CA GLU A 222 -6.45 -12.97 18.69
CA GLU A 222 -6.45 -12.97 18.69
C GLU A 222 -5.65 -11.82 19.30
N LEU A 223 -4.83 -11.15 18.49
CA LEU A 223 -3.97 -10.06 18.99
C LEU A 223 -4.68 -8.72 19.22
N PHE A 224 -5.78 -8.49 18.50
CA PHE A 224 -6.57 -7.26 18.66
C PHE A 224 -8.03 -7.63 18.94
N PRO A 225 -8.29 -8.24 20.11
CA PRO A 225 -9.63 -8.78 20.37
C PRO A 225 -10.73 -7.71 20.43
N GLY A 226 -10.41 -6.55 20.98
CA GLY A 226 -11.37 -5.43 21.02
C GLY A 226 -11.76 -4.96 19.64
N SER A 227 -10.76 -4.67 18.80
CA SER A 227 -10.99 -4.22 17.43
C SER A 227 -11.80 -5.26 16.63
N SER A 228 -11.51 -6.53 16.87
CA SER A 228 -12.16 -7.63 16.16
C SER A 228 -13.67 -7.69 16.45
N ARG A 229 -14.03 -7.54 17.72
CA ARG A 229 -15.44 -7.55 18.12
C ARG A 229 -16.22 -6.37 17.53
N GLY A 230 -15.57 -5.21 17.43
CA GLY A 230 -16.20 -4.01 16.88
C GLY A 230 -16.50 -4.06 15.38
N CYS A 231 -15.76 -4.88 14.65
CA CYS A 231 -15.91 -4.95 13.20
C CYS A 231 -15.30 -6.24 12.63
N GLY A 232 -16.09 -6.95 11.84
CA GLY A 232 -15.66 -8.22 11.24
C GLY A 232 -14.56 -8.12 10.19
N ALA A 233 -14.29 -6.90 9.71
CA ALA A 233 -13.19 -6.68 8.76
C ALA A 233 -12.33 -5.50 9.22
N PHE A 234 -11.90 -5.54 10.48
CA PHE A 234 -11.24 -4.40 11.12
C PHE A 234 -9.87 -4.02 10.53
N LEU A 235 -9.19 -4.96 9.87
CA LEU A 235 -7.92 -4.63 9.20
C LEU A 235 -8.15 -3.57 8.11
N ARG A 236 -9.38 -3.47 7.61
CA ARG A 236 -9.78 -2.39 6.70
C ARG A 236 -9.58 -1.00 7.31
N HIS A 237 -9.54 -0.91 8.64
CA HIS A 237 -9.27 0.37 9.31
C HIS A 237 -7.84 0.83 9.10
N LYS A 238 -6.96 -0.12 8.74
CA LYS A 238 -5.57 0.16 8.41
C LYS A 238 -4.89 0.79 9.62
N VAL A 239 -5.01 0.11 10.76
CA VAL A 239 -4.42 0.57 12.03
C VAL A 239 -3.54 -0.45 12.77
N ALA A 240 -3.57 -1.73 12.38
CA ALA A 240 -2.89 -2.78 13.15
C ALA A 240 -1.50 -3.11 12.62
N LEU A 241 -0.52 -3.15 13.54
CA LEU A 241 0.84 -3.60 13.21
C LEU A 241 1.22 -4.83 14.03
N ILE A 242 1.87 -5.78 13.34
CA ILE A 242 2.38 -7.01 13.93
C ILE A 242 3.78 -7.19 13.35
N SER A 243 4.78 -7.37 14.22
CA SER A 243 6.18 -7.46 13.79
C SER A 243 6.51 -8.81 13.15
N PRO A 244 7.59 -8.86 12.37
CA PRO A 244 8.03 -10.15 11.81
C PRO A 244 8.33 -11.22 12.87
N THR A 245 8.85 -10.80 14.02
CA THR A 245 9.11 -11.72 15.13
C THR A 245 7.81 -12.39 15.61
N VAL A 246 6.76 -11.59 15.77
CA VAL A 246 5.48 -12.11 16.26
C VAL A 246 4.81 -12.99 15.20
N LEU A 247 4.91 -12.61 13.93
CA LEU A 247 4.41 -13.45 12.84
C LEU A 247 5.13 -14.80 12.85
N LYS A 248 6.44 -14.78 13.01
CA LYS A 248 7.23 -15.99 13.04
C LYS A 248 6.89 -16.86 14.24
N GLU A 249 6.71 -16.25 15.40
CA GLU A 249 6.29 -16.97 16.61
C GLU A 249 4.95 -17.68 16.43
N ASN A 250 4.07 -17.10 15.62
CA ASN A 250 2.74 -17.64 15.40
C ASN A 250 2.57 -18.42 14.09
N GLY A 251 3.69 -18.72 13.44
CA GLY A 251 3.70 -19.56 12.25
C GLY A 251 3.04 -18.96 11.01
N ILE A 252 2.98 -17.63 10.93
CA ILE A 252 2.36 -16.97 9.79
C ILE A 252 3.35 -16.87 8.64
N PRO A 253 3.01 -17.43 7.47
CA PRO A 253 3.93 -17.31 6.36
C PRO A 253 3.96 -15.88 5.81
N PHE A 254 5.14 -15.33 5.65
CA PHE A 254 5.29 -13.98 5.12
C PHE A 254 6.66 -13.80 4.50
N ASN A 255 6.82 -12.69 3.79
CA ASN A 255 8.10 -12.30 3.22
C ASN A 255 8.33 -10.81 3.39
N ARG A 256 9.60 -10.41 3.28
CA ARG A 256 9.96 -9.00 3.38
C ARG A 256 10.89 -8.60 2.26
N ILE A 257 10.83 -7.33 1.89
CA ILE A 257 11.69 -6.79 0.86
C ILE A 257 11.74 -5.28 1.01
N THR A 258 12.88 -4.70 0.65
CA THR A 258 13.08 -3.25 0.73
C THR A 258 13.07 -2.65 -0.67
N GLN A 259 12.21 -1.65 -0.85
CA GLN A 259 12.06 -0.90 -2.09
C GLN A 259 12.93 0.35 -2.03
N GLU A 260 13.69 0.61 -3.09
CA GLU A 260 14.55 1.78 -3.17
C GLU A 260 14.06 2.71 -4.28
N ALA A 261 14.52 3.95 -4.24
CA ALA A 261 14.09 4.96 -5.19
C ALA A 261 14.30 4.46 -6.62
N GLY A 262 13.32 4.70 -7.47
CA GLY A 262 13.39 4.30 -8.87
C GLY A 262 12.81 2.92 -9.15
N GLU A 263 12.21 2.30 -8.13
CA GLU A 263 11.68 0.95 -8.26
C GLU A 263 10.17 0.93 -8.06
N PHE A 264 9.51 0.03 -8.78
CA PHE A 264 8.07 -0.20 -8.65
C PHE A 264 7.83 -1.41 -7.74
N MET A 265 6.76 -1.35 -6.95
CA MET A 265 6.22 -2.52 -6.25
C MET A 265 4.76 -2.69 -6.68
N VAL A 266 4.36 -3.92 -6.96
CA VAL A 266 2.98 -4.26 -7.26
C VAL A 266 2.45 -5.17 -6.16
N THR A 267 1.32 -4.80 -5.56
CA THR A 267 0.62 -5.70 -4.65
C THR A 267 -0.54 -6.37 -5.41
N PHE A 268 -0.77 -7.63 -5.11
CA PHE A 268 -1.72 -8.45 -5.82
C PHE A 268 -2.96 -8.64 -4.99
N PRO A 269 -4.10 -8.99 -5.64
CA PRO A 269 -5.36 -9.15 -4.92
C PRO A 269 -5.28 -10.03 -3.67
N TYR A 270 -5.75 -9.47 -2.56
CA TYR A 270 -5.80 -10.13 -1.26
C TYR A 270 -4.43 -10.46 -0.66
N GLY A 271 -3.41 -9.70 -1.07
CA GLY A 271 -2.07 -9.78 -0.49
C GLY A 271 -1.94 -8.77 0.63
N TYR A 272 -2.07 -9.25 1.87
CA TYR A 272 -1.90 -8.39 3.04
C TYR A 272 -0.48 -7.85 3.08
N HIS A 273 -0.34 -6.56 3.31
CA HIS A 273 0.98 -5.96 3.42
C HIS A 273 1.02 -4.83 4.44
N ALA A 274 2.25 -4.55 4.89
CA ALA A 274 2.53 -3.49 5.85
C ALA A 274 3.98 -3.11 5.64
N GLY A 275 4.39 -2.00 6.23
CA GLY A 275 5.78 -1.57 6.12
C GLY A 275 6.07 -0.21 6.71
N PHE A 276 7.27 0.28 6.43
CA PHE A 276 7.73 1.54 7.00
C PHE A 276 8.78 2.21 6.13
N ASN A 277 8.90 3.53 6.29
CA ASN A 277 9.86 4.32 5.56
C ASN A 277 11.14 4.53 6.38
N HIS A 278 12.27 4.54 5.67
CA HIS A 278 13.59 4.65 6.29
C HIS A 278 13.98 6.08 6.62
N GLY A 279 13.34 7.03 5.95
CA GLY A 279 13.71 8.44 6.01
C GLY A 279 12.86 9.21 5.04
N PHE A 280 13.18 10.49 4.82
CA PHE A 280 12.40 11.31 3.90
C PHE A 280 12.29 10.63 2.54
N ASN A 281 11.07 10.49 2.04
CA ASN A 281 10.87 9.98 0.69
C ASN A 281 9.53 10.42 0.10
N CYS A 282 9.33 10.11 -1.17
CA CYS A 282 8.07 10.36 -1.85
C CYS A 282 7.74 9.20 -2.74
N ALA A 283 6.57 8.62 -2.52
CA ALA A 283 6.06 7.55 -3.37
C ALA A 283 4.75 7.96 -4.01
N GLU A 284 4.43 7.32 -5.12
CA GLU A 284 3.15 7.50 -5.79
C GLU A 284 2.52 6.15 -5.99
N ALA A 285 1.21 6.06 -5.77
CA ALA A 285 0.50 4.80 -5.92
C ALA A 285 -0.90 4.98 -6.46
N ILE A 286 -1.41 3.91 -7.07
CA ILE A 286 -2.78 3.87 -7.56
C ILE A 286 -3.25 2.42 -7.54
N ASN A 287 -4.55 2.20 -7.36
CA ASN A 287 -5.11 0.87 -7.54
C ASN A 287 -5.37 0.59 -9.02
N PHE A 288 -5.29 -0.67 -9.40
CA PHE A 288 -5.70 -1.09 -10.74
C PHE A 288 -6.32 -2.48 -10.67
N ALA A 289 -6.89 -2.92 -11.79
CA ALA A 289 -7.53 -4.21 -11.88
C ALA A 289 -7.14 -4.93 -13.17
N THR A 290 -7.30 -6.24 -13.16
CA THR A 290 -7.14 -7.08 -14.34
C THR A 290 -8.35 -8.02 -14.35
N PRO A 291 -8.50 -8.82 -15.42
CA PRO A 291 -9.59 -9.80 -15.42
C PRO A 291 -9.54 -10.75 -14.22
N ARG A 292 -8.33 -11.12 -13.78
CA ARG A 292 -8.18 -12.04 -12.65
C ARG A 292 -8.65 -11.43 -11.32
N TRP A 293 -8.66 -10.10 -11.21
CA TRP A 293 -9.17 -9.46 -9.99
C TRP A 293 -10.66 -9.68 -9.75
N ILE A 294 -11.44 -9.81 -10.83
CA ILE A 294 -12.91 -9.76 -10.70
C ILE A 294 -13.41 -10.70 -9.59
N ASP A 295 -12.97 -11.95 -9.60
CA ASP A 295 -13.42 -12.92 -8.59
C ASP A 295 -12.99 -12.56 -7.17
N TYR A 296 -11.84 -11.90 -7.01
CA TYR A 296 -11.43 -11.36 -5.70
C TYR A 296 -12.34 -10.22 -5.26
N GLY A 297 -12.65 -9.32 -6.18
CA GLY A 297 -13.58 -8.23 -5.90
C GLY A 297 -14.93 -8.73 -5.36
N LYS A 298 -15.42 -9.83 -5.92
CA LYS A 298 -16.69 -10.43 -5.51
C LYS A 298 -16.67 -10.99 -4.09
N MET A 299 -15.49 -11.38 -3.62
CA MET A 299 -15.33 -12.04 -2.33
C MET A 299 -14.74 -11.14 -1.24
N ALA A 300 -14.34 -9.92 -1.60
CA ALA A 300 -13.66 -9.02 -0.68
C ALA A 300 -14.52 -8.69 0.54
N SER A 301 -13.90 -8.72 1.72
N SER A 301 -13.90 -8.72 1.72
CA SER A 301 -14.60 -8.36 2.96
CA SER A 301 -14.57 -8.34 2.96
C SER A 301 -14.77 -6.85 3.04
C SER A 301 -14.81 -6.84 2.96
N GLN A 302 -15.87 -6.42 3.65
CA GLN A 302 -16.17 -4.99 3.77
C GLN A 302 -16.31 -4.58 5.22
N CYS A 303 -15.78 -3.40 5.56
CA CYS A 303 -16.07 -2.76 6.83
C CYS A 303 -17.43 -2.08 6.74
N SER A 304 -18.35 -2.46 7.62
CA SER A 304 -19.67 -1.82 7.71
C SER A 304 -19.90 -1.11 9.05
N CYS A 305 -18.88 -1.07 9.91
CA CYS A 305 -18.99 -0.37 11.20
C CYS A 305 -18.85 1.15 11.05
N GLY A 306 -18.38 1.61 9.89
CA GLY A 306 -18.29 3.04 9.59
C GLY A 306 -16.89 3.64 9.71
N GLU A 307 -15.95 2.89 10.27
CA GLU A 307 -14.60 3.41 10.52
C GLU A 307 -13.75 3.55 9.25
N ALA A 308 -13.74 2.51 8.42
CA ALA A 308 -12.89 2.49 7.22
C ALA A 308 -13.27 3.63 6.27
N ARG A 309 -12.26 4.26 5.69
CA ARG A 309 -12.46 5.33 4.71
C ARG A 309 -13.14 4.78 3.46
N VAL A 310 -14.18 5.47 3.00
CA VAL A 310 -14.92 5.08 1.81
C VAL A 310 -14.72 6.14 0.72
N THR A 311 -14.20 5.72 -0.44
CA THR A 311 -14.04 6.61 -1.58
C THR A 311 -15.30 6.60 -2.44
N PHE A 312 -15.49 7.64 -3.23
CA PHE A 312 -16.65 7.75 -4.13
C PHE A 312 -16.76 6.53 -5.05
N SER A 313 -15.63 6.08 -5.59
CA SER A 313 -15.61 5.00 -6.56
C SER A 313 -16.03 3.64 -5.99
N MET A 314 -15.79 3.43 -4.70
CA MET A 314 -16.09 2.13 -4.10
CA MET A 314 -16.10 2.15 -4.04
C MET A 314 -17.56 1.74 -4.14
N ASP A 315 -18.46 2.72 -4.07
CA ASP A 315 -19.91 2.47 -4.10
C ASP A 315 -20.27 1.50 -5.21
N ALA A 316 -19.85 1.83 -6.42
CA ALA A 316 -20.24 1.09 -7.60
C ALA A 316 -19.67 -0.33 -7.61
N PHE A 317 -18.45 -0.49 -7.12
CA PHE A 317 -17.86 -1.82 -7.10
CA PHE A 317 -17.80 -1.80 -7.05
C PHE A 317 -18.60 -2.74 -6.15
N VAL A 318 -19.03 -2.21 -5.00
CA VAL A 318 -19.81 -3.00 -4.06
C VAL A 318 -21.21 -3.23 -4.63
N ARG A 319 -21.79 -2.18 -5.21
CA ARG A 319 -23.14 -2.26 -5.78
C ARG A 319 -23.27 -3.33 -6.86
N ILE A 320 -22.28 -3.41 -7.75
CA ILE A 320 -22.31 -4.36 -8.86
C ILE A 320 -21.80 -5.75 -8.45
N LEU A 321 -20.65 -5.81 -7.79
CA LEU A 321 -20.03 -7.09 -7.48
C LEU A 321 -20.58 -7.76 -6.22
N GLN A 322 -21.11 -6.96 -5.29
CA GLN A 322 -21.61 -7.49 -4.02
CA GLN A 322 -21.59 -7.47 -4.01
C GLN A 322 -22.98 -6.91 -3.67
N PRO A 323 -23.97 -7.12 -4.58
CA PRO A 323 -25.29 -6.54 -4.35
C PRO A 323 -25.93 -6.91 -3.00
N GLU A 324 -25.67 -8.12 -2.52
CA GLU A 324 -26.20 -8.56 -1.23
C GLU A 324 -25.66 -7.73 -0.05
N ARG A 325 -24.37 -7.40 -0.10
CA ARG A 325 -23.75 -6.59 0.94
C ARG A 325 -24.12 -5.11 0.83
N TYR A 326 -24.51 -4.67 -0.37
CA TYR A 326 -24.63 -3.24 -0.67
C TYR A 326 -25.45 -2.44 0.36
N ASP A 327 -26.64 -2.93 0.71
CA ASP A 327 -27.51 -2.23 1.67
C ASP A 327 -26.80 -1.93 3.01
N LEU A 328 -26.37 -2.98 3.70
CA LEU A 328 -25.71 -2.83 5.01
C LEU A 328 -24.42 -2.02 4.92
N TRP A 329 -23.65 -2.22 3.86
CA TRP A 329 -22.41 -1.47 3.65
C TRP A 329 -22.70 0.03 3.50
N LYS A 330 -23.80 0.36 2.82
CA LYS A 330 -24.18 1.75 2.61
C LYS A 330 -24.64 2.42 3.92
N ARG A 331 -25.30 1.66 4.79
CA ARG A 331 -25.74 2.16 6.10
C ARG A 331 -24.57 2.61 6.97
N GLY A 332 -23.48 1.84 6.96
CA GLY A 332 -22.27 2.18 7.71
C GLY A 332 -21.64 3.47 7.23
N GLN A 333 -21.51 3.61 5.91
CA GLN A 333 -20.98 4.82 5.30
C GLN A 333 -22.03 5.92 5.26
#